data_5N1M
#
_entry.id   5N1M
#
_cell.length_a   58.404
_cell.length_b   72.579
_cell.length_c   108.721
_cell.angle_alpha   90.00
_cell.angle_beta   90.00
_cell.angle_gamma   90.00
#
_symmetry.space_group_name_H-M   'P 21 21 21'
#
loop_
_entity.id
_entity.type
_entity.pdbx_description
1 polymer 'cAMP-dependent protein kinase catalytic subunit alpha'
2 polymer 'cAMP-dependent protein kinase inhibitor alpha-like protein'
3 non-polymer (4S)-2-METHYL-2,4-PENTANEDIOL
4 non-polymer 'DIMETHYL SULFOXIDE'
5 non-polymer (4-methoxy-3-oxidanyl-phenyl)methylazanium
6 water water
#
loop_
_entity_poly.entity_id
_entity_poly.type
_entity_poly.pdbx_seq_one_letter_code
_entity_poly.pdbx_strand_id
1 'polypeptide(L)'
;GHMGNAAAAKKG(SEP)EQESVKEFLAKAKEEFLKKWESPSQNTAQLDHFDRIKTLGTGSFGRVMLVKHKETGNHYAMKI
LDKQKVVKLKQIEHTLNEKRILQAVNFPFLVKLEFSFKDNSNLYMVMEYVPGGEMFSHLRRIGRF(SEP)EPHARFYAAQ
IVLTFEYLHSLDLIYRDLKPENLLIDQQGYIQVTDFGFAKRVKGRTW(TPO)LCGTPEYLAPEIILSKGYNKAVDWWALG
VLIYEMAAGYPPFFADQPIQIYEKIVSGKVRFPSHFSSDLKDLLRNLLQVDLTKRFGNLKNGVNDIKNHKWFATTDWIAI
YQRKVEAPFIPKFKGPGDTSNFDDYEEEEIRV(SEP)INEKCGKEFTEF
;
A
2 'polypeptide(L)' IAAGRTGRRQAIHDILVAA B
#
loop_
_chem_comp.id
_chem_comp.type
_chem_comp.name
_chem_comp.formula
BJK non-polymer (4-methoxy-3-oxidanyl-phenyl)methylazanium 'C8 H12 N O2 1'
DMS non-polymer 'DIMETHYL SULFOXIDE' 'C2 H6 O S'
MPD non-polymer (4S)-2-METHYL-2,4-PENTANEDIOL 'C6 H14 O2'
#
# COMPACT_ATOMS: atom_id res chain seq x y z
N GLY A 1 3.19 35.05 13.06
CA GLY A 1 2.72 33.66 12.83
C GLY A 1 3.87 32.68 12.88
N HIS A 2 3.61 31.42 12.54
CA HIS A 2 4.68 30.43 12.52
C HIS A 2 5.65 30.66 11.37
N MET A 3 5.17 31.14 10.23
CA MET A 3 6.01 31.38 9.07
C MET A 3 6.15 32.88 8.85
N GLY A 4 7.34 33.30 8.43
CA GLY A 4 7.52 34.64 7.92
C GLY A 4 6.98 34.79 6.51
N ASN A 5 7.10 36.01 5.99
CA ASN A 5 6.56 36.31 4.67
C ASN A 5 7.13 35.37 3.60
N ALA A 6 8.45 35.24 3.54
CA ALA A 6 9.08 34.44 2.49
C ALA A 6 8.63 32.99 2.57
N ALA A 7 8.62 32.42 3.76
CA ALA A 7 8.23 31.02 3.92
C ALA A 7 6.76 30.82 3.54
N ALA A 8 5.89 31.76 3.94
CA ALA A 8 4.47 31.61 3.64
C ALA A 8 4.21 31.66 2.14
N ALA A 9 4.83 32.61 1.44
CA ALA A 9 4.66 32.70 -0.01
C ALA A 9 5.19 31.45 -0.71
N LYS A 10 6.33 30.93 -0.28
CA LYS A 10 6.87 29.71 -0.86
C LYS A 10 5.92 28.55 -0.65
N LYS A 11 5.35 28.42 0.55
CA LYS A 11 4.43 27.33 0.84
C LYS A 11 3.18 27.43 -0.03
N GLY A 12 2.61 28.61 -0.14
CA GLY A 12 1.43 28.82 -0.98
C GLY A 12 1.68 28.45 -2.44
N SEP A 13 2.77 28.96 -2.99
CA SEP A 13 3.12 28.66 -4.38
CB SEP A 13 4.39 29.40 -4.79
OG SEP A 13 4.93 28.84 -5.98
C SEP A 13 3.28 27.15 -4.54
O SEP A 13 2.82 26.57 -5.53
P SEP A 13 5.57 29.87 -7.04
O1P SEP A 13 6.12 28.95 -8.23
O2P SEP A 13 6.75 30.68 -6.33
O3P SEP A 13 4.47 30.91 -7.58
H SEP A 13 3.32 29.49 -2.59
HA SEP A 13 2.39 28.95 -4.96
HB2 SEP A 13 5.05 29.33 -4.08
HB3 SEP A 13 4.18 30.33 -4.95
N GLU A 14 3.90 26.51 -3.57
CA GLU A 14 4.08 25.06 -3.59
C GLU A 14 2.73 24.33 -3.63
N GLN A 15 1.77 24.82 -2.86
CA GLN A 15 0.45 24.18 -2.84
C GLN A 15 -0.29 24.39 -4.16
N GLU A 16 -0.15 25.57 -4.77
CA GLU A 16 -0.76 25.76 -6.09
C GLU A 16 -0.12 24.85 -7.13
N SER A 17 1.19 24.65 -7.04
CA SER A 17 1.86 23.73 -7.95
C SER A 17 1.36 22.30 -7.77
N VAL A 18 1.06 21.90 -6.53
CA VAL A 18 0.48 20.58 -6.29
C VAL A 18 -0.84 20.44 -7.05
N LYS A 19 -1.71 21.45 -6.94
CA LYS A 19 -2.99 21.40 -7.62
C LYS A 19 -2.81 21.25 -9.12
N GLU A 20 -1.85 22.00 -9.69
CA GLU A 20 -1.57 21.91 -11.12
C GLU A 20 -1.11 20.51 -11.51
N PHE A 21 -0.21 19.93 -10.69
CA PHE A 21 0.23 18.56 -10.93
C PHE A 21 -0.94 17.59 -10.89
N LEU A 22 -1.78 17.68 -9.87
CA LEU A 22 -2.86 16.71 -9.70
C LEU A 22 -3.88 16.83 -10.81
N ALA A 23 -4.10 18.04 -11.32
CA ALA A 23 -5.03 18.21 -12.43
C ALA A 23 -4.51 17.48 -13.68
N LYS A 24 -3.23 17.60 -13.96
CA LYS A 24 -2.64 16.90 -15.10
C LYS A 24 -2.65 15.39 -14.87
N ALA A 25 -2.35 14.96 -13.65
CA ALA A 25 -2.35 13.53 -13.34
C ALA A 25 -3.73 12.92 -13.49
N LYS A 26 -4.79 13.67 -13.18
CA LYS A 26 -6.14 13.17 -13.35
C LYS A 26 -6.49 13.01 -14.83
N GLU A 27 -6.09 13.97 -15.64
CA GLU A 27 -6.33 13.85 -17.09
C GLU A 27 -5.64 12.60 -17.63
N GLU A 28 -4.40 12.34 -17.22
CA GLU A 28 -3.67 11.18 -17.72
C GLU A 28 -4.30 9.89 -17.21
N PHE A 29 -4.69 9.85 -15.94
CA PHE A 29 -5.32 8.65 -15.37
C PHE A 29 -6.62 8.32 -16.11
N LEU A 30 -7.48 9.31 -16.31
CA LEU A 30 -8.78 9.05 -16.92
C LEU A 30 -8.64 8.49 -18.32
N LYS A 31 -7.66 8.96 -19.09
CA LYS A 31 -7.42 8.40 -20.41
C LYS A 31 -7.20 6.90 -20.34
N LYS A 32 -6.36 6.45 -19.41
CA LYS A 32 -6.08 5.03 -19.26
C LYS A 32 -7.24 4.28 -18.61
N TRP A 33 -8.00 4.96 -17.74
CA TRP A 33 -9.11 4.32 -17.04
C TRP A 33 -10.28 4.05 -17.98
N GLU A 34 -10.51 4.95 -18.94
CA GLU A 34 -11.63 4.80 -19.86
C GLU A 34 -11.27 3.90 -21.04
N SER A 35 -10.03 3.95 -21.52
CA SER A 35 -9.60 3.16 -22.67
C SER A 35 -8.24 2.54 -22.36
N PRO A 36 -8.20 1.40 -21.66
CA PRO A 36 -6.96 0.72 -21.31
C PRO A 36 -6.06 0.44 -22.50
N ASN A 39 -4.48 -9.12 -21.75
CA ASN A 39 -4.02 -10.24 -22.57
C ASN A 39 -2.70 -9.89 -23.25
N THR A 40 -1.82 -9.21 -22.53
CA THR A 40 -0.56 -8.73 -23.07
C THR A 40 0.57 -9.76 -22.99
N ALA A 41 0.27 -11.00 -22.61
CA ALA A 41 1.27 -12.06 -22.56
C ALA A 41 0.58 -13.38 -22.26
N GLN A 42 1.36 -14.44 -22.10
CA GLN A 42 0.84 -15.75 -21.74
C GLN A 42 1.85 -16.46 -20.85
N LEU A 43 1.39 -17.52 -20.17
CA LEU A 43 2.18 -18.11 -19.10
C LEU A 43 3.50 -18.67 -19.61
N ASP A 44 3.48 -19.36 -20.76
CA ASP A 44 4.73 -20.01 -21.20
C ASP A 44 5.76 -19.02 -21.74
N HIS A 45 5.52 -17.71 -21.62
CA HIS A 45 6.52 -16.70 -21.94
C HIS A 45 7.50 -16.46 -20.80
N PHE A 46 7.31 -17.12 -19.65
CA PHE A 46 8.12 -16.84 -18.47
C PHE A 46 8.62 -18.15 -17.87
N ASP A 47 9.83 -18.10 -17.34
CA ASP A 47 10.33 -19.14 -16.44
C ASP A 47 9.99 -18.73 -15.01
N ARG A 48 9.41 -19.65 -14.24
CA ARG A 48 9.10 -19.39 -12.85
C ARG A 48 10.29 -19.78 -12.00
N ILE A 49 10.72 -18.86 -11.13
CA ILE A 49 11.97 -19.00 -10.39
C ILE A 49 11.73 -19.34 -8.93
N LYS A 50 10.95 -18.52 -8.22
CA LYS A 50 10.85 -18.64 -6.77
C LYS A 50 9.61 -17.90 -6.30
N THR A 51 8.99 -18.44 -5.25
CA THR A 51 7.85 -17.76 -4.62
C THR A 51 8.34 -16.67 -3.68
N LEU A 52 7.81 -15.46 -3.86
CA LEU A 52 8.21 -14.30 -3.07
C LEU A 52 7.23 -13.95 -1.97
N GLY A 53 6.03 -14.50 -2.02
CA GLY A 53 5.01 -14.25 -1.00
C GLY A 53 3.76 -15.05 -1.34
N THR A 54 2.95 -15.27 -0.31
CA THR A 54 1.76 -16.09 -0.46
C THR A 54 0.60 -15.48 0.31
N GLY A 55 -0.61 -15.68 -0.22
CA GLY A 55 -1.84 -15.24 0.42
C GLY A 55 -2.96 -16.25 0.26
N SER A 56 -4.19 -15.84 0.59
CA SER A 56 -5.31 -16.78 0.60
C SER A 56 -5.74 -17.20 -0.81
N PHE A 57 -5.56 -16.32 -1.79
CA PHE A 57 -6.04 -16.57 -3.15
C PHE A 57 -4.94 -16.98 -4.12
N GLY A 58 -3.67 -16.97 -3.69
CA GLY A 58 -2.60 -17.30 -4.61
C GLY A 58 -1.20 -16.98 -4.08
N ARG A 59 -0.33 -16.47 -4.96
N ARG A 59 -0.34 -16.48 -4.97
CA ARG A 59 1.06 -16.25 -4.60
CA ARG A 59 1.06 -16.26 -4.61
C ARG A 59 1.68 -15.27 -5.58
C ARG A 59 1.65 -15.23 -5.57
N VAL A 60 2.82 -14.72 -5.18
CA VAL A 60 3.64 -13.87 -6.05
C VAL A 60 4.95 -14.59 -6.27
N MET A 61 5.34 -14.72 -7.53
CA MET A 61 6.56 -15.44 -7.87
C MET A 61 7.50 -14.53 -8.63
N LEU A 62 8.79 -14.69 -8.38
CA LEU A 62 9.78 -14.17 -9.30
C LEU A 62 9.75 -15.00 -10.58
N VAL A 63 9.63 -14.33 -11.72
CA VAL A 63 9.66 -14.98 -13.02
C VAL A 63 10.68 -14.27 -13.89
N LYS A 64 11.12 -14.96 -14.94
CA LYS A 64 12.04 -14.40 -15.92
C LYS A 64 11.41 -14.54 -17.29
N HIS A 65 11.24 -13.41 -17.97
CA HIS A 65 10.71 -13.41 -19.33
C HIS A 65 11.71 -14.09 -20.25
N LYS A 66 11.26 -15.13 -20.96
CA LYS A 66 12.17 -15.95 -21.75
C LYS A 66 12.84 -15.13 -22.86
N GLU A 67 12.05 -14.31 -23.56
CA GLU A 67 12.58 -13.59 -24.72
C GLU A 67 13.61 -12.55 -24.32
N THR A 68 13.27 -11.70 -23.34
CA THR A 68 14.10 -10.56 -22.99
C THR A 68 15.06 -10.83 -21.84
N GLY A 69 14.80 -11.85 -21.02
CA GLY A 69 15.59 -12.08 -19.83
C GLY A 69 15.28 -11.16 -18.67
N ASN A 70 14.29 -10.28 -18.81
CA ASN A 70 13.92 -9.38 -17.72
C ASN A 70 13.20 -10.16 -16.63
N HIS A 71 13.46 -9.76 -15.39
CA HIS A 71 12.79 -10.36 -14.25
C HIS A 71 11.56 -9.55 -13.86
N TYR A 72 10.54 -10.26 -13.37
CA TYR A 72 9.29 -9.64 -12.98
C TYR A 72 8.74 -10.38 -11.77
N ALA A 73 7.82 -9.72 -11.06
CA ALA A 73 7.02 -10.34 -10.03
C ALA A 73 5.66 -10.66 -10.63
N MET A 74 5.27 -11.92 -10.58
CA MET A 74 4.00 -12.39 -11.15
C MET A 74 3.07 -12.79 -10.03
N LYS A 75 1.95 -12.07 -9.91
CA LYS A 75 0.90 -12.43 -8.97
C LYS A 75 -0.04 -13.40 -9.68
N ILE A 76 -0.28 -14.55 -9.05
CA ILE A 76 -1.11 -15.62 -9.58
C ILE A 76 -2.31 -15.77 -8.66
N LEU A 77 -3.51 -15.64 -9.20
CA LEU A 77 -4.74 -15.82 -8.43
C LEU A 77 -5.52 -17.01 -8.99
N ASP A 78 -5.87 -17.93 -8.10
CA ASP A 78 -6.69 -19.08 -8.47
C ASP A 78 -8.13 -18.61 -8.64
N LYS A 79 -8.66 -18.72 -9.85
CA LYS A 79 -9.99 -18.18 -10.13
C LYS A 79 -11.04 -18.81 -9.22
N GLN A 80 -10.95 -20.11 -8.99
CA GLN A 80 -11.92 -20.76 -8.10
C GLN A 80 -11.78 -20.24 -6.67
N LYS A 81 -10.55 -20.05 -6.20
CA LYS A 81 -10.35 -19.52 -4.86
C LYS A 81 -10.89 -18.10 -4.72
N VAL A 82 -10.91 -17.35 -5.81
CA VAL A 82 -11.60 -16.06 -5.83
C VAL A 82 -13.08 -16.40 -5.93
N VAL A 83 -13.66 -16.83 -4.81
CA VAL A 83 -15.01 -17.38 -4.79
C VAL A 83 -16.03 -16.39 -4.24
N LYS A 84 -15.69 -15.71 -3.15
CA LYS A 84 -16.59 -14.77 -2.52
C LYS A 84 -16.85 -13.58 -3.44
N LEU A 85 -18.06 -13.03 -3.33
CA LEU A 85 -18.48 -11.96 -4.23
C LEU A 85 -17.48 -10.80 -4.24
N LYS A 86 -17.17 -10.26 -3.05
N LYS A 86 -17.17 -10.26 -3.05
CA LYS A 86 -16.26 -9.12 -2.98
CA LYS A 86 -16.26 -9.12 -2.99
C LYS A 86 -14.85 -9.48 -3.43
C LYS A 86 -14.85 -9.48 -3.43
N GLN A 87 -14.48 -10.77 -3.38
CA GLN A 87 -13.18 -11.17 -3.90
C GLN A 87 -13.08 -10.95 -5.41
N ILE A 88 -14.16 -11.23 -6.15
CA ILE A 88 -14.15 -11.07 -7.60
C ILE A 88 -14.05 -9.61 -8.00
N GLU A 89 -14.97 -8.77 -7.49
CA GLU A 89 -14.97 -7.35 -7.81
C GLU A 89 -13.63 -6.71 -7.45
N HIS A 90 -13.06 -7.12 -6.32
CA HIS A 90 -11.79 -6.55 -5.88
C HIS A 90 -10.66 -6.89 -6.85
N THR A 91 -10.68 -8.08 -7.43
CA THR A 91 -9.63 -8.45 -8.38
C THR A 91 -9.73 -7.63 -9.66
N LEU A 92 -10.94 -7.33 -10.11
CA LEU A 92 -11.10 -6.45 -11.26
C LEU A 92 -10.66 -5.02 -10.93
N ASN A 93 -11.00 -4.52 -9.74
CA ASN A 93 -10.49 -3.23 -9.28
C ASN A 93 -8.97 -3.18 -9.39
N GLU A 94 -8.31 -4.21 -8.87
CA GLU A 94 -6.86 -4.21 -8.78
C GLU A 94 -6.23 -4.04 -10.15
N LYS A 95 -6.63 -4.88 -11.12
CA LYS A 95 -6.04 -4.83 -12.46
C LYS A 95 -6.31 -3.48 -13.10
N ARG A 96 -7.56 -3.01 -13.03
CA ARG A 96 -7.91 -1.78 -13.73
C ARG A 96 -7.18 -0.57 -13.14
N ILE A 97 -7.03 -0.53 -11.82
CA ILE A 97 -6.33 0.59 -11.19
C ILE A 97 -4.84 0.54 -11.53
N LEU A 98 -4.22 -0.63 -11.43
CA LEU A 98 -2.79 -0.72 -11.70
C LEU A 98 -2.46 -0.35 -13.14
N GLN A 99 -3.34 -0.68 -14.08
N GLN A 99 -3.34 -0.70 -14.08
CA GLN A 99 -3.06 -0.35 -15.48
CA GLN A 99 -3.12 -0.34 -15.48
C GLN A 99 -3.27 1.13 -15.80
C GLN A 99 -3.05 1.17 -15.66
N ALA A 100 -3.85 1.91 -14.88
CA ALA A 100 -4.11 3.31 -15.16
C ALA A 100 -3.27 4.29 -14.34
N VAL A 101 -2.72 3.88 -13.19
CA VAL A 101 -2.00 4.83 -12.34
C VAL A 101 -0.56 4.98 -12.84
N ASN A 102 0.08 6.06 -12.37
CA ASN A 102 1.48 6.32 -12.68
C ASN A 102 2.03 7.24 -11.60
N PHE A 103 2.92 6.73 -10.76
CA PHE A 103 3.50 7.52 -9.67
C PHE A 103 4.80 6.84 -9.25
N PRO A 104 5.80 7.60 -8.79
CA PRO A 104 7.12 6.98 -8.57
C PRO A 104 7.15 5.92 -7.49
N PHE A 105 6.16 5.90 -6.59
CA PHE A 105 6.14 4.97 -5.47
C PHE A 105 5.06 3.90 -5.62
N LEU A 106 4.48 3.76 -6.81
CA LEU A 106 3.49 2.72 -7.11
C LEU A 106 4.10 1.72 -8.08
N VAL A 107 3.95 0.44 -7.78
CA VAL A 107 4.54 -0.58 -8.64
C VAL A 107 3.92 -0.50 -10.03
N LYS A 108 4.74 -0.74 -11.04
CA LYS A 108 4.30 -0.67 -12.43
C LYS A 108 3.90 -2.05 -12.94
N LEU A 109 2.68 -2.14 -13.46
CA LEU A 109 2.17 -3.37 -14.08
C LEU A 109 2.65 -3.44 -15.52
N GLU A 110 3.16 -4.60 -15.92
CA GLU A 110 3.69 -4.80 -17.26
C GLU A 110 2.81 -5.67 -18.13
N PHE A 111 2.26 -6.76 -17.59
CA PHE A 111 1.38 -7.63 -18.35
C PHE A 111 0.26 -8.14 -17.45
N SER A 112 -0.85 -8.51 -18.07
CA SER A 112 -1.90 -9.24 -17.38
C SER A 112 -2.56 -10.18 -18.36
N PHE A 113 -2.98 -11.34 -17.86
CA PHE A 113 -3.63 -12.35 -18.69
C PHE A 113 -4.31 -13.36 -17.77
N LYS A 114 -5.05 -14.29 -18.39
CA LYS A 114 -5.76 -15.31 -17.64
C LYS A 114 -5.73 -16.60 -18.44
N ASP A 115 -5.96 -17.71 -17.76
CA ASP A 115 -6.09 -19.00 -18.44
C ASP A 115 -7.28 -19.75 -17.82
N ASN A 116 -7.34 -21.07 -18.05
CA ASN A 116 -8.47 -21.83 -17.55
C ASN A 116 -8.59 -21.79 -16.04
N SER A 117 -7.47 -21.68 -15.33
CA SER A 117 -7.47 -21.80 -13.87
C SER A 117 -7.19 -20.50 -13.14
N ASN A 118 -6.34 -19.63 -13.68
CA ASN A 118 -5.76 -18.55 -12.90
C ASN A 118 -5.87 -17.20 -13.61
N LEU A 119 -5.73 -16.15 -12.82
CA LEU A 119 -5.49 -14.80 -13.29
C LEU A 119 -4.04 -14.45 -12.98
N TYR A 120 -3.42 -13.65 -13.85
CA TYR A 120 -2.02 -13.30 -13.71
C TYR A 120 -1.83 -11.79 -13.89
N MET A 121 -1.02 -11.20 -13.01
CA MET A 121 -0.59 -9.82 -13.14
C MET A 121 0.92 -9.78 -12.95
N VAL A 122 1.62 -9.28 -13.96
CA VAL A 122 3.08 -9.30 -14.02
C VAL A 122 3.56 -7.86 -13.81
N MET A 123 4.32 -7.66 -12.74
N MET A 123 4.27 -7.63 -12.70
CA MET A 123 4.76 -6.33 -12.33
CA MET A 123 4.72 -6.32 -12.28
C MET A 123 6.28 -6.26 -12.33
C MET A 123 6.25 -6.25 -12.25
N GLU A 124 6.78 -5.03 -12.21
CA GLU A 124 8.20 -4.83 -12.01
C GLU A 124 8.65 -5.55 -10.75
N TYR A 125 9.81 -6.22 -10.83
CA TYR A 125 10.39 -6.87 -9.67
C TYR A 125 11.16 -5.83 -8.84
N VAL A 126 10.83 -5.75 -7.56
CA VAL A 126 11.47 -4.81 -6.64
C VAL A 126 12.33 -5.64 -5.69
N PRO A 127 13.65 -5.70 -5.89
CA PRO A 127 14.44 -6.76 -5.24
C PRO A 127 14.83 -6.48 -3.80
N GLY A 128 14.54 -5.30 -3.26
CA GLY A 128 15.01 -4.99 -1.93
C GLY A 128 14.24 -5.62 -0.79
N GLY A 129 13.14 -6.30 -1.08
CA GLY A 129 12.35 -6.95 -0.06
C GLY A 129 11.28 -6.04 0.53
N GLU A 130 10.46 -6.66 1.38
CA GLU A 130 9.38 -5.96 2.07
C GLU A 130 9.93 -5.13 3.22
N MET A 131 9.37 -3.92 3.38
CA MET A 131 9.63 -3.16 4.60
C MET A 131 9.44 -4.04 5.84
N PHE A 132 8.41 -4.90 5.82
CA PHE A 132 8.09 -5.76 6.94
C PHE A 132 9.30 -6.52 7.47
N SER A 133 10.01 -7.21 6.57
N SER A 133 10.07 -7.16 6.59
CA SER A 133 11.20 -7.99 6.96
CA SER A 133 11.14 -8.00 7.12
C SER A 133 12.22 -7.09 7.65
C SER A 133 12.33 -7.17 7.61
N HIS A 134 12.61 -6.03 6.97
CA HIS A 134 13.64 -5.12 7.49
C HIS A 134 13.24 -4.58 8.86
N LEU A 135 11.97 -4.21 9.02
CA LEU A 135 11.50 -3.67 10.29
C LEU A 135 11.56 -4.72 11.39
N ARG A 136 11.09 -5.94 11.12
CA ARG A 136 11.13 -6.98 12.13
C ARG A 136 12.56 -7.33 12.51
N ARG A 137 13.48 -7.26 11.54
CA ARG A 137 14.87 -7.63 11.79
C ARG A 137 15.58 -6.58 12.65
N ILE A 138 15.38 -5.29 12.34
CA ILE A 138 16.06 -4.22 13.09
C ILE A 138 15.31 -3.85 14.36
N GLY A 139 14.01 -4.17 14.46
CA GLY A 139 13.22 -3.82 15.61
C GLY A 139 12.35 -2.61 15.34
N ARG A 140 12.96 -1.43 15.25
CA ARG A 140 12.21 -0.22 14.92
C ARG A 140 13.12 0.69 14.12
N PHE A 141 12.49 1.61 13.38
CA PHE A 141 13.19 2.65 12.65
C PHE A 141 13.27 3.91 13.49
N SEP A 142 14.39 4.63 13.38
CA SEP A 142 14.51 5.92 14.05
CB SEP A 142 15.91 6.48 13.90
OG SEP A 142 16.10 6.91 12.56
C SEP A 142 13.50 6.88 13.42
O SEP A 142 13.02 6.62 12.31
P SEP A 142 17.63 7.18 12.15
O1P SEP A 142 18.40 5.76 12.02
O2P SEP A 142 17.61 7.93 10.72
O3P SEP A 142 18.32 8.12 13.25
H SEP A 142 15.08 4.40 12.93
HA SEP A 142 14.30 5.83 15.01
HB2 SEP A 142 16.56 5.79 14.11
HB3 SEP A 142 16.03 7.24 14.49
N GLU A 143 13.17 7.98 14.10
CA GLU A 143 12.15 8.87 13.55
C GLU A 143 12.49 9.44 12.16
N PRO A 144 13.74 9.88 11.93
CA PRO A 144 14.06 10.35 10.56
C PRO A 144 13.87 9.28 9.50
N HIS A 145 14.20 8.04 9.83
CA HIS A 145 14.06 6.92 8.90
C HIS A 145 12.58 6.63 8.64
N ALA A 146 11.77 6.57 9.70
CA ALA A 146 10.34 6.40 9.55
C ALA A 146 9.73 7.55 8.76
N ARG A 147 10.20 8.78 9.00
CA ARG A 147 9.65 9.95 8.33
C ARG A 147 9.90 9.91 6.83
N PHE A 148 11.08 9.44 6.42
CA PHE A 148 11.40 9.31 5.01
C PHE A 148 10.40 8.41 4.29
N TYR A 149 10.06 7.26 4.90
CA TYR A 149 9.07 6.38 4.31
C TYR A 149 7.67 6.99 4.39
N ALA A 150 7.33 7.58 5.54
CA ALA A 150 6.00 8.15 5.71
C ALA A 150 5.72 9.23 4.67
N ALA A 151 6.73 10.05 4.34
CA ALA A 151 6.54 11.12 3.36
C ALA A 151 6.14 10.56 2.01
N GLN A 152 6.73 9.43 1.63
CA GLN A 152 6.38 8.81 0.37
C GLN A 152 4.93 8.32 0.37
N ILE A 153 4.47 7.77 1.50
CA ILE A 153 3.09 7.33 1.60
C ILE A 153 2.14 8.53 1.55
N VAL A 154 2.49 9.63 2.23
CA VAL A 154 1.65 10.83 2.19
C VAL A 154 1.46 11.29 0.75
N LEU A 155 2.56 11.38 -0.01
CA LEU A 155 2.45 11.82 -1.40
C LEU A 155 1.67 10.83 -2.25
N THR A 156 1.86 9.53 -2.01
CA THR A 156 1.15 8.53 -2.77
C THR A 156 -0.35 8.59 -2.50
N PHE A 157 -0.75 8.76 -1.24
CA PHE A 157 -2.16 8.89 -0.94
C PHE A 157 -2.73 10.21 -1.45
N GLU A 158 -1.95 11.29 -1.43
CA GLU A 158 -2.43 12.52 -2.04
C GLU A 158 -2.75 12.30 -3.51
N TYR A 159 -1.86 11.59 -4.22
CA TYR A 159 -2.09 11.25 -5.61
C TYR A 159 -3.33 10.36 -5.78
N LEU A 160 -3.38 9.24 -5.05
CA LEU A 160 -4.49 8.31 -5.23
C LEU A 160 -5.83 8.97 -4.90
N HIS A 161 -5.89 9.68 -3.77
CA HIS A 161 -7.16 10.27 -3.35
C HIS A 161 -7.64 11.33 -4.33
N SER A 162 -6.71 12.04 -4.98
CA SER A 162 -7.10 13.04 -5.97
C SER A 162 -7.79 12.39 -7.15
N LEU A 163 -7.52 11.10 -7.41
CA LEU A 163 -8.17 10.33 -8.45
C LEU A 163 -9.41 9.61 -7.95
N ASP A 164 -9.83 9.90 -6.71
CA ASP A 164 -10.96 9.21 -6.06
C ASP A 164 -10.66 7.74 -5.81
N LEU A 165 -9.38 7.39 -5.63
CA LEU A 165 -8.98 6.03 -5.30
C LEU A 165 -8.65 5.92 -3.82
N ILE A 166 -9.26 4.96 -3.15
N ILE A 166 -9.22 4.93 -3.15
CA ILE A 166 -8.89 4.57 -1.80
CA ILE A 166 -8.87 4.59 -1.78
C ILE A 166 -7.98 3.35 -1.91
C ILE A 166 -8.10 3.29 -1.78
N TYR A 167 -7.02 3.22 -1.00
CA TYR A 167 -6.05 2.12 -1.06
C TYR A 167 -6.45 0.93 -0.20
N ARG A 168 -6.71 1.15 1.09
CA ARG A 168 -7.39 0.22 1.98
C ARG A 168 -6.57 -0.99 2.41
N ASP A 169 -5.26 -1.03 2.17
CA ASP A 169 -4.47 -2.11 2.76
C ASP A 169 -3.03 -1.67 3.06
N LEU A 170 -2.87 -0.48 3.61
CA LEU A 170 -1.53 -0.05 4.00
C LEU A 170 -1.01 -0.92 5.15
N LYS A 171 0.22 -1.41 5.00
CA LYS A 171 0.94 -2.14 6.03
C LYS A 171 2.36 -2.42 5.52
N PRO A 172 3.32 -2.68 6.41
CA PRO A 172 4.70 -2.92 5.94
C PRO A 172 4.83 -4.09 4.98
N GLU A 173 3.94 -5.09 5.07
CA GLU A 173 4.00 -6.24 4.18
C GLU A 173 3.81 -5.84 2.71
N ASN A 174 3.14 -4.74 2.46
CA ASN A 174 2.77 -4.29 1.12
C ASN A 174 3.70 -3.19 0.59
N LEU A 175 4.78 -2.89 1.27
CA LEU A 175 5.69 -1.82 0.88
C LEU A 175 7.06 -2.44 0.60
N LEU A 176 7.46 -2.41 -0.66
CA LEU A 176 8.75 -2.95 -1.07
C LEU A 176 9.78 -1.83 -1.13
N ILE A 177 11.03 -2.17 -0.86
N ILE A 177 11.03 -2.19 -0.87
CA ILE A 177 12.14 -1.23 -0.92
CA ILE A 177 12.14 -1.24 -0.91
C ILE A 177 12.88 -1.46 -2.23
C ILE A 177 12.91 -1.45 -2.21
N ASP A 178 13.08 -0.39 -2.99
CA ASP A 178 13.73 -0.50 -4.29
C ASP A 178 15.24 -0.31 -4.17
N GLN A 179 15.92 -0.39 -5.30
CA GLN A 179 17.38 -0.37 -5.30
C GLN A 179 17.96 0.97 -4.81
N GLN A 180 17.16 2.04 -4.81
CA GLN A 180 17.60 3.32 -4.27
C GLN A 180 17.10 3.55 -2.84
N GLY A 181 16.45 2.57 -2.23
CA GLY A 181 15.95 2.72 -0.87
C GLY A 181 14.60 3.38 -0.75
N TYR A 182 13.92 3.63 -1.86
CA TYR A 182 12.59 4.23 -1.86
C TYR A 182 11.53 3.13 -1.85
N ILE A 183 10.28 3.54 -1.62
N ILE A 183 10.30 3.54 -1.58
CA ILE A 183 9.17 2.60 -1.39
CA ILE A 183 9.17 2.63 -1.44
C ILE A 183 8.38 2.40 -2.67
C ILE A 183 8.51 2.37 -2.78
N GLN A 184 8.02 1.14 -2.93
CA GLN A 184 7.08 0.76 -3.98
C GLN A 184 5.86 0.13 -3.30
N VAL A 185 4.70 0.76 -3.44
CA VAL A 185 3.47 0.18 -2.92
C VAL A 185 3.01 -0.89 -3.88
N THR A 186 2.79 -2.09 -3.37
N THR A 186 2.66 -2.05 -3.33
CA THR A 186 2.22 -3.15 -4.17
CA THR A 186 2.12 -3.18 -4.07
C THR A 186 0.95 -3.66 -3.51
C THR A 186 0.73 -3.54 -3.54
N ASP A 187 0.30 -4.56 -4.22
N ASP A 187 0.15 -4.55 -4.15
CA ASP A 187 -0.96 -5.12 -3.81
CA ASP A 187 -1.07 -5.21 -3.68
C ASP A 187 -2.02 -4.02 -3.79
C ASP A 187 -2.27 -4.27 -3.66
N PHE A 188 -2.83 -4.00 -4.85
CA PHE A 188 -3.98 -3.12 -4.97
C PHE A 188 -5.28 -3.89 -4.90
N GLY A 189 -5.25 -5.06 -4.25
CA GLY A 189 -6.41 -5.92 -4.17
C GLY A 189 -7.62 -5.30 -3.49
N PHE A 190 -7.40 -4.30 -2.63
N PHE A 190 -7.44 -4.31 -2.63
CA PHE A 190 -8.47 -3.62 -1.91
CA PHE A 190 -8.58 -3.63 -2.02
C PHE A 190 -8.65 -2.18 -2.36
C PHE A 190 -8.77 -2.21 -2.50
N ALA A 191 -7.91 -1.74 -3.39
CA ALA A 191 -8.06 -0.38 -3.89
C ALA A 191 -9.36 -0.27 -4.69
N LYS A 192 -9.98 0.90 -4.62
CA LYS A 192 -11.27 1.10 -5.23
C LYS A 192 -11.49 2.56 -5.59
N ARG A 193 -12.14 2.80 -6.71
CA ARG A 193 -12.58 4.14 -7.05
C ARG A 193 -13.88 4.43 -6.31
N VAL A 194 -13.86 5.46 -5.47
CA VAL A 194 -14.96 5.80 -4.57
C VAL A 194 -15.12 7.31 -4.60
N LYS A 195 -16.28 7.78 -5.05
CA LYS A 195 -16.50 9.23 -5.09
C LYS A 195 -16.81 9.79 -3.71
N GLY A 196 -17.55 9.03 -2.89
CA GLY A 196 -17.90 9.45 -1.56
C GLY A 196 -17.67 8.36 -0.54
N ARG A 197 -18.72 7.58 -0.24
CA ARG A 197 -18.61 6.50 0.72
C ARG A 197 -18.57 5.14 0.04
N THR A 198 -18.05 4.17 0.78
CA THR A 198 -18.13 2.77 0.39
C THR A 198 -18.38 1.95 1.66
N TRP A 199 -18.78 0.69 1.49
CA TRP A 199 -19.30 -0.10 2.61
C TRP A 199 -18.66 -1.48 2.85
N TPO A 200 -17.72 -1.90 2.02
CA TPO A 200 -17.17 -3.25 2.18
CB TPO A 200 -16.32 -3.65 0.97
CG2 TPO A 200 -15.90 -5.11 1.10
OG1 TPO A 200 -17.08 -3.51 -0.22
P TPO A 200 -16.47 -2.43 -1.25
O1P TPO A 200 -17.64 -2.25 -2.32
O2P TPO A 200 -15.23 -2.96 -1.86
O3P TPO A 200 -16.21 -1.12 -0.43
C TPO A 200 -16.34 -3.35 3.46
O TPO A 200 -15.47 -2.54 3.72
H TPO A 200 -17.37 -1.44 1.39
HA TPO A 200 -17.90 -3.89 2.25
HB TPO A 200 -15.43 -3.03 0.92
HG21 TPO A 200 -15.30 -5.40 0.24
HG22 TPO A 200 -16.79 -5.75 1.15
HG23 TPO A 200 -15.32 -5.25 2.02
N LEU A 201 -16.56 -4.41 4.24
CA LEU A 201 -15.72 -4.68 5.40
C LEU A 201 -14.47 -5.40 4.93
N CYS A 202 -13.37 -4.68 4.71
CA CYS A 202 -12.15 -5.30 4.23
C CYS A 202 -10.95 -4.50 4.74
N GLY A 203 -9.79 -5.17 4.73
CA GLY A 203 -8.52 -4.63 5.16
C GLY A 203 -7.81 -5.62 6.05
N THR A 204 -6.81 -5.14 6.76
CA THR A 204 -6.08 -5.99 7.70
C THR A 204 -6.36 -5.53 9.11
N PRO A 205 -6.72 -6.43 10.03
CA PRO A 205 -7.21 -6.03 11.36
C PRO A 205 -6.47 -4.89 12.06
N GLU A 206 -5.15 -4.99 12.23
CA GLU A 206 -4.39 -3.99 12.97
C GLU A 206 -4.49 -2.59 12.35
N TYR A 207 -4.81 -2.50 11.05
CA TYR A 207 -4.79 -1.26 10.30
C TYR A 207 -6.19 -0.70 10.02
N LEU A 208 -7.25 -1.37 10.46
CA LEU A 208 -8.62 -0.94 10.19
C LEU A 208 -9.01 0.29 11.01
N ALA A 209 -9.58 1.28 10.33
CA ALA A 209 -10.14 2.42 11.03
C ALA A 209 -11.40 2.00 11.80
N PRO A 210 -11.73 2.71 12.89
CA PRO A 210 -12.92 2.31 13.67
C PRO A 210 -14.20 2.26 12.86
N GLU A 211 -14.37 3.18 11.90
CA GLU A 211 -15.61 3.22 11.15
C GLU A 211 -15.78 1.98 10.26
N ILE A 212 -14.69 1.34 9.84
CA ILE A 212 -14.82 0.08 9.11
C ILE A 212 -15.35 -0.99 10.05
N ILE A 213 -14.73 -1.12 11.22
CA ILE A 213 -15.10 -2.14 12.19
C ILE A 213 -16.56 -1.98 12.60
N LEU A 214 -17.02 -0.74 12.70
CA LEU A 214 -18.38 -0.47 13.16
C LEU A 214 -19.42 -0.55 12.04
N SER A 215 -19.05 -1.04 10.86
CA SER A 215 -20.00 -1.24 9.76
C SER A 215 -20.66 0.06 9.34
N LYS A 216 -19.91 1.15 9.39
CA LYS A 216 -20.37 2.44 8.92
C LYS A 216 -19.82 2.64 7.51
N GLY A 217 -20.62 3.26 6.64
CA GLY A 217 -20.08 3.72 5.37
C GLY A 217 -18.94 4.68 5.61
N TYR A 218 -17.88 4.50 4.85
CA TYR A 218 -16.64 5.20 5.14
C TYR A 218 -16.02 5.75 3.86
N ASN A 219 -15.00 6.59 4.04
CA ASN A 219 -14.39 7.31 2.93
C ASN A 219 -12.87 7.19 2.97
N LYS A 220 -12.19 8.02 2.17
CA LYS A 220 -10.74 7.94 2.04
C LYS A 220 -10.01 8.21 3.36
N ALA A 221 -10.69 8.77 4.36
CA ALA A 221 -10.04 9.00 5.64
C ALA A 221 -9.57 7.72 6.32
N VAL A 222 -10.09 6.55 5.93
CA VAL A 222 -9.56 5.30 6.48
C VAL A 222 -8.09 5.13 6.13
N ASP A 223 -7.65 5.68 4.98
CA ASP A 223 -6.24 5.57 4.61
C ASP A 223 -5.37 6.45 5.51
N TRP A 224 -5.88 7.59 5.96
CA TRP A 224 -5.10 8.44 6.84
C TRP A 224 -4.99 7.85 8.23
N TRP A 225 -6.05 7.21 8.71
CA TRP A 225 -5.95 6.41 9.93
C TRP A 225 -4.86 5.36 9.79
N ALA A 226 -4.89 4.60 8.68
CA ALA A 226 -3.89 3.55 8.47
C ALA A 226 -2.47 4.11 8.43
N LEU A 227 -2.28 5.30 7.87
CA LEU A 227 -0.98 5.95 7.91
C LEU A 227 -0.52 6.15 9.35
N GLY A 228 -1.44 6.55 10.23
CA GLY A 228 -1.10 6.68 11.63
C GLY A 228 -0.62 5.36 12.22
N VAL A 229 -1.31 4.26 11.88
CA VAL A 229 -0.89 2.94 12.35
C VAL A 229 0.49 2.61 11.82
N LEU A 230 0.74 2.89 10.53
CA LEU A 230 2.02 2.56 9.92
C LEU A 230 3.16 3.35 10.56
N ILE A 231 2.98 4.66 10.73
CA ILE A 231 4.03 5.48 11.32
C ILE A 231 4.34 4.98 12.73
N TYR A 232 3.29 4.73 13.52
CA TYR A 232 3.49 4.18 14.85
C TYR A 232 4.28 2.88 14.80
N GLU A 233 3.89 1.95 13.93
CA GLU A 233 4.58 0.66 13.88
C GLU A 233 6.03 0.83 13.42
N MET A 234 6.28 1.68 12.43
CA MET A 234 7.65 1.91 12.00
C MET A 234 8.52 2.44 13.14
N ALA A 235 7.98 3.38 13.92
CA ALA A 235 8.77 4.05 14.95
C ALA A 235 8.83 3.26 16.27
N ALA A 236 7.85 2.40 16.53
CA ALA A 236 7.82 1.61 17.77
C ALA A 236 8.31 0.19 17.58
N GLY A 237 8.09 -0.40 16.42
CA GLY A 237 8.35 -1.80 16.15
C GLY A 237 7.15 -2.69 16.27
N TYR A 238 6.02 -2.15 16.72
CA TYR A 238 4.76 -2.88 16.87
C TYR A 238 3.65 -1.85 16.68
N PRO A 239 2.46 -2.29 16.25
CA PRO A 239 1.39 -1.33 15.98
C PRO A 239 0.68 -0.92 17.25
N PRO A 240 -0.14 0.13 17.18
CA PRO A 240 -0.75 0.70 18.40
C PRO A 240 -1.86 -0.14 19.00
N PHE A 241 -2.50 -0.98 18.20
CA PHE A 241 -3.60 -1.83 18.66
C PHE A 241 -3.14 -3.25 18.38
N PHE A 242 -2.68 -3.93 19.43
CA PHE A 242 -1.82 -5.09 19.31
C PHE A 242 -2.38 -6.16 20.23
N ALA A 243 -2.83 -7.27 19.66
CA ALA A 243 -3.43 -8.37 20.40
C ALA A 243 -3.38 -9.63 19.54
N ASP A 244 -3.53 -10.78 20.19
CA ASP A 244 -3.35 -12.05 19.48
C ASP A 244 -4.50 -12.35 18.52
N GLN A 245 -5.73 -11.93 18.85
CA GLN A 245 -6.88 -12.29 18.04
C GLN A 245 -7.56 -11.06 17.45
N PRO A 246 -8.04 -11.14 16.20
CA PRO A 246 -8.71 -9.98 15.61
C PRO A 246 -9.78 -9.33 16.49
N ILE A 247 -10.62 -10.11 17.18
CA ILE A 247 -11.69 -9.50 17.97
C ILE A 247 -11.12 -8.57 19.04
N GLN A 248 -9.99 -8.96 19.66
CA GLN A 248 -9.38 -8.12 20.67
C GLN A 248 -8.75 -6.88 20.04
N ILE A 249 -8.19 -7.02 18.84
CA ILE A 249 -7.66 -5.87 18.12
C ILE A 249 -8.78 -4.87 17.86
N TYR A 250 -9.94 -5.36 17.41
CA TYR A 250 -11.05 -4.47 17.08
C TYR A 250 -11.52 -3.69 18.31
N GLU A 251 -11.61 -4.37 19.46
CA GLU A 251 -12.02 -3.69 20.69
C GLU A 251 -11.08 -2.56 21.04
N LYS A 252 -9.78 -2.75 20.85
N LYS A 252 -9.77 -2.76 20.88
CA LYS A 252 -8.82 -1.70 21.18
CA LYS A 252 -8.81 -1.70 21.16
C LYS A 252 -8.89 -0.54 20.19
C LYS A 252 -8.99 -0.53 20.21
N ILE A 253 -9.17 -0.82 18.92
CA ILE A 253 -9.29 0.23 17.91
C ILE A 253 -10.46 1.15 18.24
N VAL A 254 -11.62 0.57 18.55
CA VAL A 254 -12.82 1.35 18.77
C VAL A 254 -12.79 2.11 20.09
N SER A 255 -11.97 1.67 21.06
CA SER A 255 -11.94 2.30 22.37
C SER A 255 -11.62 3.79 22.30
N GLY A 256 -10.76 4.19 21.36
CA GLY A 256 -10.29 5.55 21.32
C GLY A 256 -9.09 5.85 22.20
N LYS A 257 -8.31 4.82 22.56
CA LYS A 257 -7.17 4.97 23.46
C LYS A 257 -5.91 4.50 22.73
N VAL A 258 -4.87 5.32 22.77
CA VAL A 258 -3.55 4.96 22.28
C VAL A 258 -2.51 5.36 23.31
N ARG A 259 -1.54 4.47 23.54
CA ARG A 259 -0.39 4.74 24.38
C ARG A 259 0.86 4.72 23.52
N PHE A 260 1.85 5.52 23.89
CA PHE A 260 3.02 5.71 23.08
C PHE A 260 4.28 5.31 23.83
N PRO A 261 5.28 4.75 23.15
CA PRO A 261 6.58 4.51 23.78
C PRO A 261 7.18 5.82 24.31
N SER A 262 7.94 5.70 25.40
CA SER A 262 8.55 6.88 26.01
C SER A 262 9.58 7.54 25.10
N HIS A 263 10.09 6.84 24.09
CA HIS A 263 11.06 7.43 23.18
C HIS A 263 10.43 8.20 22.02
N PHE A 264 9.12 8.15 21.86
CA PHE A 264 8.48 8.95 20.81
C PHE A 264 8.61 10.43 21.14
N SER A 265 9.01 11.23 20.16
CA SER A 265 9.03 12.68 20.33
C SER A 265 7.60 13.20 20.51
N SER A 266 7.50 14.37 21.13
CA SER A 266 6.18 14.98 21.29
C SER A 266 5.57 15.36 19.95
N ASP A 267 6.39 15.81 18.99
CA ASP A 267 5.89 16.09 17.65
C ASP A 267 5.26 14.85 17.04
N LEU A 268 5.92 13.71 17.18
CA LEU A 268 5.37 12.47 16.64
C LEU A 268 4.06 12.10 17.32
N LYS A 269 4.01 12.18 18.65
CA LYS A 269 2.77 11.85 19.35
C LYS A 269 1.63 12.76 18.93
N ASP A 270 1.92 14.06 18.72
CA ASP A 270 0.87 14.96 18.30
C ASP A 270 0.34 14.56 16.92
N LEU A 271 1.22 14.29 15.97
CA LEU A 271 0.78 13.85 14.65
C LEU A 271 -0.08 12.60 14.77
N LEU A 272 0.38 11.61 15.55
CA LEU A 272 -0.33 10.35 15.64
C LEU A 272 -1.69 10.51 16.32
N ARG A 273 -1.79 11.37 17.33
CA ARG A 273 -3.09 11.59 17.96
C ARG A 273 -4.09 12.19 16.97
N ASN A 274 -3.60 12.96 15.99
CA ASN A 274 -4.47 13.57 15.00
C ASN A 274 -4.79 12.65 13.82
N LEU A 275 -3.95 11.64 13.56
CA LEU A 275 -4.27 10.63 12.56
C LEU A 275 -5.13 9.51 13.14
N LEU A 276 -4.77 9.03 14.32
CA LEU A 276 -5.50 7.98 15.04
C LEU A 276 -6.65 8.58 15.84
N GLN A 277 -7.45 9.38 15.13
CA GLN A 277 -8.55 10.13 15.70
C GLN A 277 -9.86 9.45 15.30
N VAL A 278 -10.59 8.94 16.30
N VAL A 278 -10.61 8.97 16.29
CA VAL A 278 -11.86 8.28 16.01
CA VAL A 278 -11.85 8.27 16.03
C VAL A 278 -12.84 9.26 15.38
C VAL A 278 -12.93 9.21 15.49
N ASP A 279 -12.87 10.49 15.87
CA ASP A 279 -13.86 11.48 15.44
C ASP A 279 -13.48 11.99 14.06
N LEU A 280 -14.28 11.68 13.05
CA LEU A 280 -13.95 12.03 11.68
C LEU A 280 -13.95 13.54 11.44
N THR A 281 -14.66 14.30 12.27
CA THR A 281 -14.62 15.76 12.15
C THR A 281 -13.32 16.35 12.64
N LYS A 282 -12.43 15.53 13.20
CA LYS A 282 -11.15 16.00 13.74
C LYS A 282 -9.94 15.29 13.15
N ARG A 283 -10.13 14.27 12.31
CA ARG A 283 -8.99 13.47 11.84
C ARG A 283 -8.23 14.20 10.73
N PHE A 284 -6.92 14.31 10.92
CA PHE A 284 -6.07 14.91 9.90
C PHE A 284 -6.18 14.14 8.58
N GLY A 285 -6.20 14.89 7.48
CA GLY A 285 -6.48 14.35 6.18
C GLY A 285 -7.95 14.43 5.80
N ASN A 286 -8.83 14.67 6.76
CA ASN A 286 -10.27 14.71 6.53
C ASN A 286 -10.86 16.08 6.81
N LEU A 287 -10.03 17.11 7.01
CA LEU A 287 -10.50 18.44 7.37
C LEU A 287 -10.46 19.35 6.15
N LYS A 288 -10.86 20.61 6.36
CA LYS A 288 -10.95 21.55 5.25
C LYS A 288 -9.62 21.72 4.54
N ASN A 289 -8.52 21.68 5.28
N ASN A 289 -8.51 21.67 5.27
CA ASN A 289 -7.18 21.84 4.72
CA ASN A 289 -7.19 21.83 4.68
C ASN A 289 -6.65 20.55 4.10
C ASN A 289 -6.62 20.53 4.13
N GLY A 290 -7.40 19.45 4.18
CA GLY A 290 -6.99 18.22 3.51
C GLY A 290 -5.62 17.71 3.91
N VAL A 291 -4.85 17.29 2.91
CA VAL A 291 -3.55 16.68 3.15
C VAL A 291 -2.57 17.69 3.73
N ASN A 292 -2.84 18.98 3.57
CA ASN A 292 -1.89 19.97 4.05
C ASN A 292 -1.77 20.01 5.56
N ASP A 293 -2.79 19.58 6.31
CA ASP A 293 -2.64 19.47 7.75
C ASP A 293 -1.56 18.47 8.11
N ILE A 294 -1.39 17.44 7.27
CA ILE A 294 -0.33 16.46 7.50
C ILE A 294 1.00 17.00 7.01
N LYS A 295 1.04 17.50 5.78
CA LYS A 295 2.31 17.91 5.18
C LYS A 295 2.94 19.07 5.93
N ASN A 296 2.14 19.91 6.56
CA ASN A 296 2.63 21.09 7.29
C ASN A 296 2.77 20.85 8.78
N HIS A 297 2.55 19.62 9.25
CA HIS A 297 2.75 19.32 10.66
C HIS A 297 4.24 19.43 11.03
N LYS A 298 4.48 19.82 12.29
CA LYS A 298 5.85 19.99 12.77
C LYS A 298 6.72 18.74 12.60
N TRP A 299 6.15 17.55 12.71
CA TRP A 299 6.97 16.35 12.57
C TRP A 299 7.59 16.25 11.18
N PHE A 300 6.95 16.86 10.17
CA PHE A 300 7.45 16.86 8.80
C PHE A 300 8.18 18.15 8.43
N ALA A 301 8.52 19.00 9.41
CA ALA A 301 9.09 20.30 9.09
C ALA A 301 10.39 20.19 8.29
N THR A 302 11.17 19.12 8.48
CA THR A 302 12.41 18.94 7.74
C THR A 302 12.22 18.29 6.39
N THR A 303 10.99 17.90 6.03
CA THR A 303 10.75 17.14 4.81
C THR A 303 10.63 18.08 3.61
N ASP A 304 11.47 17.85 2.61
CA ASP A 304 11.38 18.55 1.33
C ASP A 304 10.51 17.69 0.42
N TRP A 305 9.22 18.04 0.36
CA TRP A 305 8.25 17.21 -0.35
C TRP A 305 8.61 17.03 -1.82
N ILE A 306 9.04 18.11 -2.49
CA ILE A 306 9.40 17.99 -3.90
C ILE A 306 10.63 17.11 -4.06
N ALA A 307 11.61 17.26 -3.17
CA ALA A 307 12.82 16.46 -3.27
C ALA A 307 12.51 14.97 -3.08
N ILE A 308 11.59 14.65 -2.16
CA ILE A 308 11.15 13.26 -1.99
C ILE A 308 10.53 12.75 -3.28
N TYR A 309 9.58 13.52 -3.84
CA TYR A 309 8.93 13.11 -5.09
C TYR A 309 9.95 12.90 -6.20
N GLN A 310 10.89 13.82 -6.34
CA GLN A 310 11.93 13.74 -7.36
C GLN A 310 13.01 12.72 -6.99
N ARG A 311 12.91 12.09 -5.82
CA ARG A 311 13.84 11.07 -5.38
C ARG A 311 15.27 11.62 -5.25
N LYS A 312 15.37 12.89 -4.83
CA LYS A 312 16.65 13.57 -4.64
C LYS A 312 17.22 13.39 -3.24
N VAL A 313 16.44 12.84 -2.30
CA VAL A 313 16.86 12.70 -0.91
C VAL A 313 17.62 11.39 -0.75
N GLU A 314 18.74 11.43 -0.04
CA GLU A 314 19.49 10.21 0.23
C GLU A 314 18.70 9.32 1.17
N ALA A 315 18.50 8.06 0.77
CA ALA A 315 17.70 7.14 1.56
C ALA A 315 18.48 6.71 2.80
N PRO A 316 17.78 6.37 3.89
CA PRO A 316 18.48 5.93 5.10
C PRO A 316 19.08 4.54 4.99
N PHE A 317 18.60 3.73 4.03
CA PHE A 317 18.96 2.33 3.94
C PHE A 317 18.89 1.91 2.48
N ILE A 318 19.97 1.32 1.98
CA ILE A 318 20.03 0.80 0.62
C ILE A 318 20.15 -0.71 0.69
N PRO A 319 19.17 -1.48 0.23
CA PRO A 319 19.30 -2.95 0.31
C PRO A 319 20.44 -3.46 -0.56
N LYS A 320 21.08 -4.53 -0.09
CA LYS A 320 22.13 -5.17 -0.85
C LYS A 320 21.54 -5.96 -2.01
N PHE A 321 22.19 -5.87 -3.17
CA PHE A 321 21.73 -6.57 -4.35
C PHE A 321 22.93 -7.21 -5.04
N LYS A 322 22.85 -8.51 -5.30
CA LYS A 322 23.95 -9.26 -5.88
C LYS A 322 23.85 -9.38 -7.39
N GLY A 323 22.76 -8.91 -7.99
CA GLY A 323 22.59 -8.96 -9.42
C GLY A 323 21.14 -9.16 -9.80
N PRO A 324 20.85 -9.14 -11.11
CA PRO A 324 19.48 -9.37 -11.54
C PRO A 324 18.98 -10.73 -11.07
N GLY A 325 17.73 -10.75 -10.61
CA GLY A 325 17.10 -11.97 -10.15
C GLY A 325 17.46 -12.38 -8.74
N ASP A 326 18.27 -11.60 -8.03
CA ASP A 326 18.62 -11.92 -6.65
C ASP A 326 17.37 -11.88 -5.77
N THR A 327 17.17 -12.93 -4.96
CA THR A 327 16.04 -13.02 -4.06
C THR A 327 16.46 -13.01 -2.59
N SER A 328 17.70 -12.61 -2.30
N SER A 328 17.70 -12.61 -2.30
CA SER A 328 18.22 -12.74 -0.94
CA SER A 328 18.21 -12.72 -0.94
C SER A 328 17.48 -11.88 0.09
C SER A 328 17.39 -11.95 0.07
N ASN A 329 16.76 -10.86 -0.34
CA ASN A 329 16.04 -9.98 0.58
C ASN A 329 14.62 -10.44 0.87
N PHE A 330 14.23 -11.62 0.37
CA PHE A 330 12.91 -12.17 0.61
C PHE A 330 13.02 -13.46 1.43
N ASP A 331 11.97 -13.73 2.19
CA ASP A 331 11.88 -14.96 2.96
C ASP A 331 11.48 -16.11 2.03
N ASP A 332 11.66 -17.33 2.52
CA ASP A 332 11.37 -18.53 1.75
C ASP A 332 9.95 -19.01 2.02
N TYR A 333 9.35 -19.63 0.99
CA TYR A 333 7.99 -20.12 1.07
C TYR A 333 7.93 -21.50 0.43
N GLU A 334 6.94 -22.29 0.85
CA GLU A 334 6.72 -23.59 0.24
C GLU A 334 6.34 -23.42 -1.23
N GLU A 335 7.01 -24.17 -2.09
CA GLU A 335 6.77 -24.08 -3.53
C GLU A 335 5.75 -25.13 -3.96
N GLU A 336 4.81 -24.71 -4.80
CA GLU A 336 3.76 -25.58 -5.31
C GLU A 336 3.64 -25.41 -6.80
N GLU A 337 3.50 -26.52 -7.52
CA GLU A 337 3.42 -26.47 -8.97
C GLU A 337 2.19 -25.66 -9.40
N ILE A 338 2.34 -24.93 -10.49
CA ILE A 338 1.24 -24.15 -11.07
C ILE A 338 0.52 -25.06 -12.05
N ARG A 339 -0.60 -25.63 -11.62
CA ARG A 339 -1.39 -26.54 -12.44
C ARG A 339 -2.48 -25.77 -13.17
N VAL A 340 -2.59 -26.01 -14.48
CA VAL A 340 -3.62 -25.37 -15.29
C VAL A 340 -4.59 -26.42 -15.81
N SEP A 341 -5.85 -26.30 -15.44
CA SEP A 341 -6.86 -27.28 -15.78
CB SEP A 341 -8.17 -26.99 -15.04
OG SEP A 341 -9.23 -27.80 -15.53
C SEP A 341 -7.11 -27.29 -17.28
O SEP A 341 -6.84 -26.32 -17.97
P SEP A 341 -9.31 -29.23 -14.79
O1P SEP A 341 -10.84 -29.71 -14.82
O2P SEP A 341 -8.36 -30.27 -15.57
O3P SEP A 341 -8.84 -29.11 -13.26
H SEP A 341 -6.15 -25.64 -14.96
HA SEP A 341 -6.56 -28.17 -15.52
HB2 SEP A 341 -8.40 -26.05 -15.18
HB3 SEP A 341 -8.04 -27.17 -14.09
N ILE A 342 -7.63 -28.41 -17.78
CA ILE A 342 -7.95 -28.52 -19.21
C ILE A 342 -9.34 -27.91 -19.47
N ASN A 343 -10.06 -27.59 -18.41
CA ASN A 343 -11.40 -27.02 -18.51
C ASN A 343 -11.39 -25.60 -17.94
N GLU A 344 -12.01 -24.67 -18.68
CA GLU A 344 -12.07 -23.29 -18.22
C GLU A 344 -12.93 -23.20 -16.96
N LYS A 345 -12.44 -22.48 -15.96
CA LYS A 345 -13.14 -22.26 -14.71
C LYS A 345 -13.59 -20.81 -14.61
N CYS A 346 -14.83 -20.60 -14.20
CA CYS A 346 -15.33 -19.28 -13.86
C CYS A 346 -15.15 -18.29 -15.01
N GLY A 347 -15.41 -18.76 -16.24
CA GLY A 347 -15.19 -17.92 -17.40
C GLY A 347 -16.06 -16.67 -17.42
N LYS A 348 -17.35 -16.82 -17.08
CA LYS A 348 -18.25 -15.69 -17.13
C LYS A 348 -17.93 -14.67 -16.04
N GLU A 349 -17.52 -15.15 -14.87
CA GLU A 349 -17.25 -14.24 -13.75
C GLU A 349 -16.08 -13.31 -14.03
N PHE A 350 -15.15 -13.69 -14.91
CA PHE A 350 -13.92 -12.92 -15.14
C PHE A 350 -13.79 -12.46 -16.58
N THR A 351 -14.93 -12.29 -17.28
CA THR A 351 -14.89 -11.85 -18.66
C THR A 351 -14.12 -10.54 -18.83
N GLU A 352 -14.28 -9.61 -17.89
CA GLU A 352 -13.70 -8.29 -18.00
C GLU A 352 -12.20 -8.26 -17.72
N PHE A 353 -11.64 -9.31 -17.13
CA PHE A 353 -10.24 -9.29 -16.73
C PHE A 353 -9.30 -9.44 -17.92
N ALA B 2 2.94 -7.58 26.42
CA ALA B 2 2.27 -7.05 25.23
C ALA B 2 2.20 -8.11 24.14
N ALA B 3 1.25 -9.03 24.27
CA ALA B 3 1.09 -10.10 23.29
C ALA B 3 0.36 -9.57 22.07
N GLY B 4 0.88 -9.89 20.89
CA GLY B 4 0.24 -9.54 19.64
C GLY B 4 0.90 -10.28 18.51
N ARG B 5 0.38 -10.05 17.30
CA ARG B 5 0.82 -10.81 16.13
C ARG B 5 2.10 -10.22 15.57
N THR B 6 3.16 -11.03 15.50
CA THR B 6 4.45 -10.57 15.00
C THR B 6 4.76 -11.02 13.58
N GLY B 7 4.04 -12.01 13.06
CA GLY B 7 4.25 -12.48 11.70
C GLY B 7 3.44 -11.68 10.68
N ARG B 8 3.56 -12.11 9.43
CA ARG B 8 2.84 -11.43 8.35
C ARG B 8 1.35 -11.58 8.59
N ARG B 9 0.61 -10.50 8.32
CA ARG B 9 -0.81 -10.40 8.64
C ARG B 9 -1.63 -10.45 7.36
N GLN B 10 -2.59 -11.36 7.32
CA GLN B 10 -3.43 -11.52 6.15
C GLN B 10 -4.59 -10.53 6.18
N ALA B 11 -4.93 -10.03 5.00
CA ALA B 11 -6.09 -9.16 4.91
C ALA B 11 -7.36 -10.01 4.99
N ILE B 12 -8.44 -9.37 5.42
N ILE B 12 -8.44 -9.37 5.42
CA ILE B 12 -9.75 -10.02 5.48
CA ILE B 12 -9.76 -9.99 5.51
C ILE B 12 -10.65 -9.37 4.44
C ILE B 12 -10.67 -9.36 4.45
N HIS B 13 -11.50 -10.19 3.82
CA HIS B 13 -12.28 -9.76 2.67
C HIS B 13 -13.69 -9.28 3.02
N ASP B 14 -14.34 -9.87 4.03
CA ASP B 14 -15.75 -9.54 4.29
C ASP B 14 -16.16 -9.66 5.75
N ILE B 15 -15.23 -9.61 6.70
CA ILE B 15 -15.61 -9.72 8.10
C ILE B 15 -14.55 -9.12 9.02
C1 MPD C . 5.19 16.13 -4.97
C2 MPD C . 4.12 16.56 -5.96
O2 MPD C . 3.54 17.78 -5.47
CM MPD C . 4.71 16.85 -7.35
C3 MPD C . 3.02 15.49 -6.11
C4 MPD C . 2.17 15.32 -4.84
O4 MPD C . 1.25 16.38 -4.73
C5 MPD C . 1.40 14.01 -4.80
H11 MPD C . 4.94 15.15 -4.56
H12 MPD C . 5.24 16.86 -4.15
H13 MPD C . 6.16 16.09 -5.47
HO2 MPD C . 2.58 17.66 -5.34
HM1 MPD C . 4.22 16.23 -8.09
HM2 MPD C . 4.56 17.90 -7.58
HM3 MPD C . 5.77 16.61 -7.34
H31 MPD C . 3.49 14.54 -6.35
H32 MPD C . 2.38 15.76 -6.94
H4 MPD C . 2.84 15.35 -3.98
HO4 MPD C . 1.19 16.68 -3.81
H51 MPD C . 0.34 14.21 -4.70
H52 MPD C . 1.57 13.45 -5.72
H53 MPD C . 1.73 13.42 -3.95
S DMS D . -21.19 -6.74 -7.23
O DMS D . -19.78 -7.21 -7.00
C1 DMS D . -22.35 -7.79 -6.31
C2 DMS D . -21.44 -5.15 -6.37
H11 DMS D . -22.07 -7.80 -5.29
H12 DMS D . -22.32 -8.77 -6.69
H13 DMS D . -23.33 -7.39 -6.40
H21 DMS D . -20.82 -4.42 -6.81
H22 DMS D . -22.45 -4.87 -6.46
H23 DMS D . -21.19 -5.27 -5.35
C4 BJK E . 4.91 -9.15 -3.02
C5 BJK E . 6.01 -8.88 -3.80
C6 BJK E . 5.07 -9.76 -1.65
C7 BJK E . 5.49 -6.43 -7.18
O BJK E . 2.24 -7.87 -5.15
C2 BJK E . 3.49 -8.16 -4.70
C1 BJK E . 4.62 -7.84 -5.46
O1 BJK E . 4.38 -7.07 -6.56
C3 BJK E . 3.65 -8.81 -3.49
C BJK E . 5.88 -8.22 -5.03
N BJK E . 5.02 -8.74 -0.58
H1 BJK E . 7.00 -9.17 -3.48
H3 BJK E . 6.01 -10.31 -1.58
H2 BJK E . 4.29 -10.49 -1.47
H6 BJK E . 5.05 -6.02 -8.10
H4 BJK E . 6.29 -7.12 -7.43
H5 BJK E . 5.88 -5.60 -6.58
H7 BJK E . 1.78 -8.70 -5.42
H8 BJK E . 2.76 -9.03 -2.90
H9 BJK E . 6.77 -8.03 -5.60
H10 BJK E . 5.87 -8.19 -0.53
H11 BJK E . 4.87 -9.17 0.33
H12 BJK E . 4.25 -8.09 -0.72
#